data_3RNV
#
_entry.id   3RNV
#
_cell.length_a   98.806
_cell.length_b   98.806
_cell.length_c   65.747
_cell.angle_alpha   90.00
_cell.angle_beta   90.00
_cell.angle_gamma   90.00
#
_symmetry.space_group_name_H-M   'I 4 2 2'
#
loop_
_entity.id
_entity.type
_entity.pdbx_description
1 polymer 'Helper component proteinase'
2 water water
#
_entity_poly.entity_id   1
_entity_poly.type   'polypeptide(L)'
_entity_poly.pdbx_seq_one_letter_code
;DPVLSEIKMPTKHHLVIGNSGDPKYIDLPEIEENKMYIAKEGYCYINIFLAMLVNVKESQAKEFTKVVRDKLVGELGKWP
TLLDVATACYFLKVFYPDVANAELPRMLVDHKTKIIHVVDSYGSLSTGYHVLKTNTVEQLIKFTRCNLESSLKHYRVG
;
_entity_poly.pdbx_strand_id   A
#
# COMPACT_ATOMS: atom_id res chain seq x y z
N MET A 36 -13.39 -7.55 -0.24
CA MET A 36 -13.91 -6.24 -0.79
C MET A 36 -12.82 -5.17 -0.93
N TYR A 37 -12.38 -4.95 -2.17
CA TYR A 37 -11.43 -3.87 -2.48
C TYR A 37 -12.12 -2.66 -3.11
N ILE A 38 -11.42 -1.53 -3.20
CA ILE A 38 -11.97 -0.34 -3.86
C ILE A 38 -11.32 -0.14 -5.26
N ALA A 39 -12.12 0.33 -6.21
CA ALA A 39 -11.64 0.64 -7.56
C ALA A 39 -12.00 2.07 -7.94
N LYS A 40 -11.21 3.03 -7.46
CA LYS A 40 -11.45 4.45 -7.75
C LYS A 40 -10.17 5.18 -8.18
N GLU A 41 -10.29 5.96 -9.25
CA GLU A 41 -9.17 6.70 -9.86
C GLU A 41 -8.31 7.40 -8.81
N GLY A 42 -7.04 7.01 -8.73
CA GLY A 42 -6.09 7.67 -7.84
C GLY A 42 -6.15 7.27 -6.38
N TYR A 43 -7.10 6.40 -6.03
CA TYR A 43 -7.29 5.99 -4.64
C TYR A 43 -7.11 4.49 -4.39
N CYS A 44 -6.58 3.77 -5.38
CA CYS A 44 -6.43 2.33 -5.26
C CYS A 44 -5.33 1.91 -4.28
N TYR A 45 -4.55 2.88 -3.81
CA TYR A 45 -3.61 2.64 -2.72
C TYR A 45 -4.36 2.22 -1.44
N ILE A 46 -5.63 2.62 -1.32
CA ILE A 46 -6.46 2.24 -0.17
C ILE A 46 -6.51 0.71 0.03
N ASN A 47 -6.40 -0.03 -1.07
CA ASN A 47 -6.41 -1.49 -1.05
C ASN A 47 -5.23 -2.13 -0.31
N ILE A 48 -4.13 -1.37 -0.17
CA ILE A 48 -2.98 -1.80 0.62
C ILE A 48 -3.41 -1.91 2.09
N PHE A 49 -4.09 -0.87 2.58
CA PHE A 49 -4.61 -0.84 3.94
C PHE A 49 -5.69 -1.89 4.17
N LEU A 50 -6.63 -2.00 3.23
CA LEU A 50 -7.69 -3.02 3.32
C LEU A 50 -7.14 -4.44 3.37
N ALA A 51 -6.03 -4.68 2.66
CA ALA A 51 -5.37 -5.99 2.67
C ALA A 51 -4.86 -6.37 4.06
N MET A 52 -4.61 -5.36 4.89
CA MET A 52 -4.13 -5.56 6.26
C MET A 52 -5.20 -6.13 7.22
N LEU A 53 -6.47 -5.90 6.91
CA LEU A 53 -7.59 -6.32 7.76
C LEU A 53 -7.60 -7.79 8.16
N VAL A 54 -6.99 -8.66 7.34
CA VAL A 54 -6.93 -10.08 7.65
C VAL A 54 -5.98 -10.41 8.81
N ASN A 55 -5.20 -9.41 9.22
CA ASN A 55 -4.26 -9.58 10.33
C ASN A 55 -4.58 -8.71 11.55
N VAL A 56 -5.79 -8.15 11.59
CA VAL A 56 -6.29 -7.47 12.78
C VAL A 56 -7.46 -8.27 13.38
N LYS A 57 -7.56 -8.27 14.71
CA LYS A 57 -8.64 -8.99 15.40
C LYS A 57 -9.99 -8.38 15.04
N GLU A 58 -11.03 -9.23 15.03
CA GLU A 58 -12.41 -8.80 14.76
C GLU A 58 -12.87 -7.69 15.70
N SER A 59 -12.39 -7.73 16.94
CA SER A 59 -12.70 -6.71 17.94
C SER A 59 -12.07 -5.35 17.64
N GLN A 60 -11.26 -5.27 16.57
CA GLN A 60 -10.55 -4.03 16.22
C GLN A 60 -10.78 -3.55 14.78
N ALA A 61 -11.57 -4.33 14.02
CA ALA A 61 -11.82 -4.07 12.61
C ALA A 61 -12.48 -2.71 12.32
N LYS A 62 -13.53 -2.38 13.07
CA LYS A 62 -14.27 -1.13 12.87
C LYS A 62 -13.36 0.06 13.09
N GLU A 63 -12.58 0.00 14.17
CA GLU A 63 -11.67 1.06 14.55
C GLU A 63 -10.60 1.29 13.48
N PHE A 64 -9.98 0.19 13.04
CA PHE A 64 -8.97 0.20 11.97
C PHE A 64 -9.48 0.88 10.71
N THR A 65 -10.67 0.45 10.25
CA THR A 65 -11.31 1.01 9.06
C THR A 65 -11.57 2.51 9.19
N LYS A 66 -11.91 2.95 10.40
CA LYS A 66 -12.12 4.37 10.68
C LYS A 66 -10.82 5.17 10.60
N VAL A 67 -9.72 4.59 11.07
CA VAL A 67 -8.41 5.26 10.94
C VAL A 67 -8.08 5.43 9.46
N VAL A 68 -8.24 4.37 8.67
CA VAL A 68 -8.01 4.46 7.23
C VAL A 68 -8.89 5.53 6.57
N ARG A 69 -10.21 5.40 6.74
CA ARG A 69 -11.18 6.25 6.06
C ARG A 69 -11.23 7.68 6.58
N ASP A 70 -11.13 7.85 7.90
CA ASP A 70 -11.30 9.16 8.52
C ASP A 70 -10.01 9.95 8.71
N LYS A 71 -8.87 9.25 8.77
CA LYS A 71 -7.58 9.94 8.96
C LYS A 71 -6.64 9.83 7.76
N LEU A 72 -6.26 8.61 7.41
CA LEU A 72 -5.19 8.39 6.44
C LEU A 72 -5.52 8.88 5.02
N VAL A 73 -6.72 8.55 4.54
CA VAL A 73 -7.17 8.97 3.20
C VAL A 73 -7.17 10.48 3.04
N GLY A 74 -7.66 11.20 4.04
CA GLY A 74 -7.66 12.66 4.03
C GLY A 74 -6.25 13.28 4.02
N GLU A 75 -5.31 12.65 4.71
CA GLU A 75 -3.94 13.16 4.75
C GLU A 75 -3.18 12.79 3.47
N LEU A 76 -3.43 11.60 2.95
CA LEU A 76 -2.73 11.16 1.73
C LEU A 76 -3.27 11.84 0.47
N GLY A 77 -4.59 11.96 0.38
CA GLY A 77 -5.24 12.51 -0.81
C GLY A 77 -5.13 11.57 -1.99
N LYS A 78 -5.07 12.17 -3.19
CA LYS A 78 -5.11 11.41 -4.44
C LYS A 78 -3.72 11.32 -5.08
N TRP A 79 -3.38 10.16 -5.63
CA TRP A 79 -2.04 9.89 -6.19
C TRP A 79 -0.92 10.26 -5.21
N PRO A 80 -0.96 9.71 -3.98
CA PRO A 80 0.13 9.94 -3.02
C PRO A 80 1.38 9.18 -3.49
N THR A 81 2.56 9.57 -3.01
CA THR A 81 3.78 8.84 -3.37
C THR A 81 3.83 7.48 -2.66
N LEU A 82 4.61 6.56 -3.22
CA LEU A 82 4.89 5.27 -2.59
C LEU A 82 5.45 5.46 -1.18
N LEU A 83 6.40 6.37 -1.04
CA LEU A 83 6.96 6.68 0.27
C LEU A 83 5.88 7.09 1.29
N ASP A 84 4.96 7.96 0.88
CA ASP A 84 3.90 8.40 1.81
C ASP A 84 2.93 7.26 2.19
N VAL A 85 2.60 6.41 1.23
CA VAL A 85 1.81 5.19 1.53
C VAL A 85 2.53 4.26 2.51
N ALA A 86 3.79 3.95 2.24
CA ALA A 86 4.56 3.08 3.13
C ALA A 86 4.71 3.68 4.51
N THR A 87 4.84 5.00 4.58
CA THR A 87 4.90 5.71 5.85
C THR A 87 3.60 5.55 6.68
N ALA A 88 2.44 5.61 6.00
CA ALA A 88 1.17 5.35 6.66
C ALA A 88 1.08 3.89 7.15
N CYS A 89 1.68 2.95 6.43
CA CYS A 89 1.71 1.53 6.83
C CYS A 89 2.50 1.35 8.11
N TYR A 90 3.61 2.08 8.20
CA TYR A 90 4.46 2.08 9.38
C TYR A 90 3.73 2.64 10.61
N PHE A 91 2.91 3.67 10.40
CA PHE A 91 2.03 4.25 11.42
C PHE A 91 1.04 3.21 11.96
N LEU A 92 0.36 2.49 11.07
CA LEU A 92 -0.59 1.43 11.46
C LEU A 92 0.10 0.27 12.19
N LYS A 93 1.31 -0.08 11.74
CA LYS A 93 2.08 -1.19 12.30
C LYS A 93 2.35 -1.03 13.80
N VAL A 94 2.64 0.19 14.23
CA VAL A 94 2.94 0.45 15.64
C VAL A 94 1.70 0.30 16.54
N PHE A 95 0.50 0.40 15.96
CA PHE A 95 -0.75 0.22 16.71
C PHE A 95 -1.37 -1.16 16.51
N TYR A 96 -1.10 -1.77 15.35
CA TYR A 96 -1.63 -3.09 15.02
C TYR A 96 -0.48 -3.96 14.50
N PRO A 97 0.41 -4.43 15.40
CA PRO A 97 1.70 -5.02 15.02
C PRO A 97 1.63 -6.24 14.11
N ASP A 98 0.54 -7.00 14.19
CA ASP A 98 0.38 -8.21 13.39
C ASP A 98 0.17 -7.92 11.90
N VAL A 99 -0.19 -6.68 11.59
CA VAL A 99 -0.38 -6.20 10.23
C VAL A 99 0.91 -6.26 9.38
N ALA A 100 2.07 -6.26 10.04
CA ALA A 100 3.37 -6.36 9.36
C ALA A 100 3.50 -7.54 8.39
N ASN A 101 2.81 -8.63 8.70
CA ASN A 101 2.94 -9.88 7.97
C ASN A 101 1.89 -10.05 6.86
N ALA A 102 0.99 -9.08 6.76
CA ALA A 102 -0.12 -9.12 5.80
C ALA A 102 0.38 -9.06 4.36
N GLU A 103 -0.16 -9.95 3.52
CA GLU A 103 0.12 -9.95 2.09
C GLU A 103 -0.53 -8.75 1.40
N LEU A 104 0.16 -8.21 0.41
CA LEU A 104 -0.33 -7.04 -0.32
C LEU A 104 -0.82 -7.42 -1.71
N PRO A 105 -1.72 -6.59 -2.29
CA PRO A 105 -2.16 -6.80 -3.67
C PRO A 105 -0.99 -6.56 -4.61
N ARG A 106 -1.12 -7.02 -5.85
CA ARG A 106 -0.08 -6.83 -6.86
C ARG A 106 0.11 -5.36 -7.17
N MET A 107 1.37 -4.96 -7.32
CA MET A 107 1.70 -3.57 -7.61
C MET A 107 2.42 -3.47 -8.97
N LEU A 108 1.70 -2.93 -9.94
CA LEU A 108 2.19 -2.80 -11.31
C LEU A 108 2.81 -1.45 -11.53
N VAL A 109 3.99 -1.43 -12.12
CA VAL A 109 4.77 -0.19 -12.25
C VAL A 109 4.87 0.27 -13.70
N ASP A 110 4.45 1.52 -13.93
CA ASP A 110 4.59 2.17 -15.23
C ASP A 110 5.69 3.21 -15.10
N HIS A 111 6.87 2.88 -15.64
CA HIS A 111 8.03 3.77 -15.57
C HIS A 111 7.94 4.99 -16.49
N LYS A 112 6.99 4.97 -17.42
CA LYS A 112 6.78 6.09 -18.33
C LYS A 112 6.07 7.22 -17.58
N THR A 113 4.99 6.89 -16.88
CA THR A 113 4.19 7.86 -16.15
C THR A 113 4.65 8.04 -14.70
N LYS A 114 5.52 7.14 -14.23
CA LYS A 114 5.97 7.12 -12.83
C LYS A 114 4.79 6.89 -11.89
N ILE A 115 3.93 5.97 -12.31
CA ILE A 115 2.76 5.57 -11.52
C ILE A 115 2.78 4.06 -11.17
N ILE A 116 2.38 3.76 -9.94
CA ILE A 116 2.24 2.39 -9.44
C ILE A 116 0.76 2.12 -9.24
N HIS A 117 0.24 1.14 -9.97
CA HIS A 117 -1.17 0.75 -9.92
C HIS A 117 -1.34 -0.46 -8.99
N VAL A 118 -2.19 -0.31 -7.98
CA VAL A 118 -2.50 -1.39 -7.05
C VAL A 118 -3.67 -2.20 -7.61
N VAL A 119 -3.42 -3.49 -7.89
CA VAL A 119 -4.41 -4.37 -8.51
C VAL A 119 -4.46 -5.73 -7.80
N ASP A 120 -5.63 -6.09 -7.27
CA ASP A 120 -5.84 -7.47 -6.79
C ASP A 120 -6.64 -8.24 -7.84
N SER A 121 -5.98 -8.53 -8.96
CA SER A 121 -6.67 -9.07 -10.13
C SER A 121 -5.88 -10.14 -10.89
N TYR A 122 -6.49 -10.67 -11.95
CA TYR A 122 -5.97 -11.83 -12.67
C TYR A 122 -4.97 -11.49 -13.80
N GLY A 123 -5.46 -10.81 -14.84
CA GLY A 123 -4.75 -10.71 -16.11
C GLY A 123 -3.73 -9.60 -16.24
N SER A 124 -2.45 -9.93 -16.03
CA SER A 124 -1.33 -9.03 -16.25
C SER A 124 0.01 -9.75 -16.01
N LEU A 125 0.95 -9.04 -15.38
CA LEU A 125 2.31 -9.56 -15.15
C LEU A 125 2.59 -10.02 -13.73
N SER A 126 3.36 -11.10 -13.62
CA SER A 126 3.71 -11.73 -12.36
C SER A 126 5.11 -11.35 -11.85
N THR A 127 6.05 -11.17 -12.78
CA THR A 127 7.43 -10.83 -12.43
C THR A 127 8.05 -9.84 -13.44
N GLY A 128 9.28 -9.42 -13.16
CA GLY A 128 10.03 -8.56 -14.08
C GLY A 128 9.97 -7.08 -13.75
N TYR A 129 10.31 -6.28 -14.75
CA TYR A 129 10.52 -4.85 -14.61
C TYR A 129 9.25 -4.04 -14.27
N HIS A 130 8.08 -4.63 -14.51
CA HIS A 130 6.81 -3.94 -14.29
C HIS A 130 6.03 -4.38 -13.04
N VAL A 131 6.63 -5.25 -12.22
CA VAL A 131 5.99 -5.68 -10.98
C VAL A 131 6.91 -5.39 -9.78
N LEU A 132 6.45 -4.51 -8.89
CA LEU A 132 7.18 -4.20 -7.66
C LEU A 132 7.02 -5.38 -6.69
N LYS A 133 8.14 -5.99 -6.34
CA LYS A 133 8.07 -7.25 -5.59
C LYS A 133 7.95 -7.11 -4.07
N THR A 134 7.29 -6.04 -3.62
CA THR A 134 7.00 -5.87 -2.20
C THR A 134 5.70 -6.61 -1.87
N ASN A 135 5.85 -7.85 -1.43
CA ASN A 135 4.72 -8.78 -1.31
C ASN A 135 3.94 -8.65 0.00
N THR A 136 4.60 -8.10 1.01
CA THR A 136 4.00 -7.90 2.32
C THR A 136 4.26 -6.48 2.81
N VAL A 137 3.51 -6.08 3.83
CA VAL A 137 3.65 -4.78 4.49
C VAL A 137 5.11 -4.57 4.90
N GLU A 138 5.67 -5.55 5.61
CA GLU A 138 7.05 -5.48 6.08
C GLU A 138 8.07 -5.29 4.95
N GLN A 139 7.85 -5.96 3.83
CA GLN A 139 8.73 -5.81 2.67
C GLN A 139 8.65 -4.40 2.07
N LEU A 140 7.45 -3.84 2.03
CA LEU A 140 7.27 -2.47 1.55
C LEU A 140 7.98 -1.47 2.47
N ILE A 141 7.82 -1.67 3.78
CA ILE A 141 8.49 -0.84 4.79
C ILE A 141 10.01 -0.97 4.68
N LYS A 142 10.51 -2.20 4.52
CA LYS A 142 11.95 -2.43 4.40
C LYS A 142 12.51 -1.74 3.16
N PHE A 143 11.84 -1.89 2.02
CA PHE A 143 12.30 -1.27 0.77
C PHE A 143 12.39 0.24 0.92
N THR A 144 11.35 0.80 1.52
CA THR A 144 11.11 2.22 1.51
C THR A 144 11.92 2.96 2.61
N ARG A 145 12.30 2.25 3.66
CA ARG A 145 13.09 2.88 4.73
C ARG A 145 14.60 2.92 4.44
N CYS A 146 15.04 2.20 3.41
CA CYS A 146 16.47 2.19 3.05
C CYS A 146 16.99 3.61 2.81
N ASN A 147 18.19 3.89 3.31
CA ASN A 147 18.84 5.19 3.11
C ASN A 147 19.13 5.62 1.67
N LEU A 148 19.13 4.66 0.74
CA LEU A 148 19.38 4.96 -0.66
C LEU A 148 18.17 5.63 -1.27
N GLU A 149 18.41 6.62 -2.13
CA GLU A 149 17.37 7.46 -2.69
C GLU A 149 16.84 6.92 -4.00
N SER A 150 16.05 5.85 -3.94
CA SER A 150 15.43 5.27 -5.12
C SER A 150 14.36 6.20 -5.71
N SER A 151 14.39 6.32 -7.04
CA SER A 151 13.37 7.05 -7.77
C SER A 151 11.99 6.46 -7.49
N LEU A 152 11.95 5.16 -7.22
CA LEU A 152 10.70 4.45 -7.01
C LEU A 152 9.86 4.93 -5.83
N LYS A 153 10.52 5.36 -4.77
CA LYS A 153 9.86 5.96 -3.61
C LYS A 153 8.97 7.14 -3.96
N HIS A 154 9.32 7.85 -5.02
CA HIS A 154 8.57 9.05 -5.42
C HIS A 154 7.55 8.84 -6.54
N TYR A 155 7.42 7.61 -7.05
CA TYR A 155 6.32 7.31 -7.98
C TYR A 155 4.99 7.49 -7.26
N ARG A 156 3.96 7.90 -7.99
CA ARG A 156 2.64 8.05 -7.42
C ARG A 156 1.91 6.71 -7.42
N VAL A 157 1.03 6.51 -6.44
CA VAL A 157 0.34 5.23 -6.29
C VAL A 157 -1.15 5.49 -6.34
N GLY A 158 -1.90 4.61 -7.01
CA GLY A 158 -3.35 4.80 -7.05
C GLY A 158 -4.00 3.98 -8.11
#